data_2VAA
#
_entry.id   2VAA
#
_cell.length_a   138.100
_cell.length_b   88.900
_cell.length_c   45.700
_cell.angle_alpha   90.00
_cell.angle_beta   90.00
_cell.angle_gamma   90.00
#
_symmetry.space_group_name_H-M   'P 21 21 2'
#
loop_
_entity.id
_entity.type
_entity.pdbx_description
1 polymer 'MHC CLASS I H-2KB HEAVY CHAIN'
2 polymer 'BETA-2 MICROGLOBULIN'
3 polymer 'VESICULAR STOMATITIS VIRUS NUCLEOPROTEIN'
4 water water
#
loop_
_entity_poly.entity_id
_entity_poly.type
_entity_poly.pdbx_seq_one_letter_code
_entity_poly.pdbx_strand_id
1 'polypeptide(L)'
;GPHSLRYFVTAVSRPGLGEPRYMEVGYVDDTEFVRFDSDAENPRYEPRARWMEQEGPEYWERETQKAKGNEQSFRVDLRT
LLGYYNQSKGGSHTIQVISGCEVGSDGRLLRGYQQYAYDGCDYIALNEDLKTWTAADMAALITKHKWEQAGEAERLRAYL
EGTCVEWLRRYLKNGNATLLRTDSPKAHVTHHSRPEDKVTLRCWALGFYPADITLTWQLNGEELIQDMELVETRPAGDGT
FQKWASVVVPLGKEQYYTCHVYHQGLPEPLTLRW
;
A
2 'polypeptide(L)'
;IQKTPQIQVYSRHPPENGKPNILNCYVTQFHPPHIEIQMLKNGKKIPKVEMSDMSFSKDWSFYILAHTEFTPTETDTYAC
RVKHDSMAEPKTVYWDRDM
;
B
3 'polypeptide(L)' RGYVYQGL P
#
# COMPACT_ATOMS: atom_id res chain seq x y z
N GLY A 1 -16.77 -11.94 6.53
CA GLY A 1 -15.65 -11.57 7.42
C GLY A 1 -15.68 -10.08 7.59
N PRO A 2 -14.71 -9.49 8.32
CA PRO A 2 -14.63 -8.04 8.55
C PRO A 2 -14.20 -7.32 7.28
N HIS A 3 -14.63 -6.08 7.13
CA HIS A 3 -14.29 -5.29 5.95
C HIS A 3 -13.95 -3.89 6.41
N SER A 4 -13.13 -3.19 5.62
CA SER A 4 -12.74 -1.85 6.02
C SER A 4 -12.71 -0.86 4.88
N LEU A 5 -12.93 0.40 5.24
CA LEU A 5 -12.89 1.53 4.33
C LEU A 5 -11.78 2.40 4.90
N ARG A 6 -10.68 2.55 4.16
CA ARG A 6 -9.55 3.33 4.64
C ARG A 6 -9.10 4.39 3.64
N TYR A 7 -8.67 5.54 4.16
CA TYR A 7 -8.17 6.62 3.33
C TYR A 7 -6.76 6.98 3.80
N PHE A 8 -5.82 6.96 2.87
CA PHE A 8 -4.43 7.34 3.15
C PHE A 8 -4.26 8.73 2.54
N VAL A 9 -4.06 9.74 3.36
CA VAL A 9 -3.91 11.13 2.91
C VAL A 9 -2.46 11.60 3.11
N THR A 10 -1.94 12.37 2.15
CA THR A 10 -0.59 12.89 2.24
C THR A 10 -0.51 14.32 1.72
N ALA A 11 0.25 15.15 2.42
CA ALA A 11 0.45 16.54 2.05
C ALA A 11 1.97 16.72 2.18
N VAL A 12 2.63 17.04 1.06
CA VAL A 12 4.07 17.24 1.05
C VAL A 12 4.39 18.63 0.50
N SER A 13 5.14 19.43 1.25
CA SER A 13 5.50 20.77 0.79
C SER A 13 6.71 20.69 -0.15
N ARG A 14 6.72 21.54 -1.16
CA ARG A 14 7.79 21.57 -2.15
C ARG A 14 8.31 23.00 -2.28
N PRO A 15 8.99 23.51 -1.25
CA PRO A 15 9.52 24.88 -1.26
C PRO A 15 10.28 25.21 -2.55
N GLY A 16 9.91 26.32 -3.18
CA GLY A 16 10.55 26.72 -4.41
C GLY A 16 9.89 26.09 -5.62
N LEU A 17 9.40 24.88 -5.47
CA LEU A 17 8.75 24.16 -6.56
C LEU A 17 7.24 24.32 -6.55
N GLY A 18 6.76 25.46 -6.05
CA GLY A 18 5.34 25.73 -6.02
C GLY A 18 4.58 25.26 -4.80
N GLU A 19 3.30 24.98 -5.00
CA GLU A 19 2.40 24.52 -3.94
C GLU A 19 2.72 23.10 -3.55
N PRO A 20 2.29 22.69 -2.35
CA PRO A 20 2.57 21.31 -1.92
C PRO A 20 1.70 20.31 -2.68
N ARG A 21 2.15 19.05 -2.71
CA ARG A 21 1.36 18.03 -3.38
C ARG A 21 0.38 17.43 -2.37
N TYR A 22 -0.84 17.17 -2.81
CA TYR A 22 -1.86 16.61 -1.94
C TYR A 22 -2.49 15.38 -2.61
N MET A 23 -2.60 14.29 -1.85
CA MET A 23 -3.15 13.05 -2.38
C MET A 23 -4.06 12.33 -1.40
N GLU A 24 -5.12 11.73 -1.93
CA GLU A 24 -6.05 10.92 -1.16
C GLU A 24 -6.19 9.63 -1.96
N VAL A 25 -6.09 8.50 -1.30
CA VAL A 25 -6.23 7.19 -1.94
C VAL A 25 -7.16 6.40 -1.00
N GLY A 26 -8.24 5.86 -1.56
CA GLY A 26 -9.19 5.11 -0.75
C GLY A 26 -9.12 3.62 -1.02
N TYR A 27 -9.39 2.84 0.01
CA TYR A 27 -9.36 1.38 -0.10
C TYR A 27 -10.55 0.73 0.58
N VAL A 28 -11.07 -0.32 -0.03
CA VAL A 28 -12.12 -1.12 0.57
C VAL A 28 -11.32 -2.41 0.64
N ASP A 29 -11.02 -2.87 1.85
CA ASP A 29 -10.19 -4.06 2.07
C ASP A 29 -8.86 -3.80 1.35
N ASP A 30 -8.36 -4.77 0.58
CA ASP A 30 -7.08 -4.61 -0.12
C ASP A 30 -7.21 -4.00 -1.50
N THR A 31 -8.37 -3.45 -1.84
CA THR A 31 -8.59 -2.89 -3.16
C THR A 31 -8.67 -1.37 -3.24
N GLU A 32 -7.77 -0.78 -4.02
CA GLU A 32 -7.76 0.67 -4.24
C GLU A 32 -9.04 0.95 -5.03
N PHE A 33 -9.80 1.98 -4.68
CA PHE A 33 -11.03 2.25 -5.41
C PHE A 33 -11.28 3.70 -5.82
N VAL A 34 -10.58 4.63 -5.18
CA VAL A 34 -10.71 6.05 -5.52
C VAL A 34 -9.39 6.72 -5.23
N ARG A 35 -9.11 7.81 -5.93
CA ARG A 35 -7.87 8.51 -5.75
C ARG A 35 -8.03 9.96 -6.19
N PHE A 36 -7.23 10.83 -5.59
CA PHE A 36 -7.20 12.25 -5.92
C PHE A 36 -5.73 12.63 -5.82
N ASP A 37 -5.23 13.34 -6.82
CA ASP A 37 -3.85 13.78 -6.85
C ASP A 37 -3.84 15.20 -7.37
N SER A 38 -3.36 16.12 -6.55
CA SER A 38 -3.31 17.53 -6.90
C SER A 38 -2.38 17.84 -8.07
N ASP A 39 -1.45 16.95 -8.34
CA ASP A 39 -0.51 17.15 -9.44
C ASP A 39 -1.10 16.73 -10.78
N ALA A 40 -2.24 16.05 -10.74
CA ALA A 40 -2.91 15.57 -11.95
C ALA A 40 -3.17 16.71 -12.90
N GLU A 41 -3.20 16.37 -14.19
CA GLU A 41 -3.45 17.29 -15.28
C GLU A 41 -4.73 18.04 -14.92
N ASN A 42 -5.74 17.27 -14.51
CA ASN A 42 -7.03 17.81 -14.08
C ASN A 42 -7.35 17.15 -12.74
N PRO A 43 -7.11 17.87 -11.63
CA PRO A 43 -7.38 17.34 -10.29
C PRO A 43 -8.86 17.12 -10.05
N ARG A 44 -9.25 15.85 -10.02
CA ARG A 44 -10.63 15.42 -9.81
C ARG A 44 -10.54 14.09 -9.10
N TYR A 45 -11.56 13.75 -8.34
CA TYR A 45 -11.60 12.46 -7.65
C TYR A 45 -11.94 11.47 -8.78
N GLU A 46 -11.15 10.41 -8.91
CA GLU A 46 -11.40 9.45 -9.96
C GLU A 46 -11.50 8.01 -9.47
N PRO A 47 -12.32 7.19 -10.16
CA PRO A 47 -12.48 5.79 -9.78
C PRO A 47 -11.24 4.97 -10.14
N ARG A 48 -10.94 3.96 -9.34
CA ARG A 48 -9.79 3.11 -9.58
C ARG A 48 -10.25 1.67 -9.64
N ALA A 49 -11.55 1.48 -9.41
CA ALA A 49 -12.16 0.16 -9.46
C ALA A 49 -13.36 0.24 -10.40
N ARG A 50 -13.48 -0.74 -11.29
CA ARG A 50 -14.56 -0.78 -12.27
C ARG A 50 -15.95 -0.63 -11.67
N TRP A 51 -16.21 -1.31 -10.56
CA TRP A 51 -17.52 -1.23 -9.92
C TRP A 51 -17.93 0.16 -9.46
N MET A 52 -16.97 1.08 -9.39
CA MET A 52 -17.27 2.46 -8.97
C MET A 52 -18.06 3.25 -10.03
N GLU A 53 -18.29 2.64 -11.18
CA GLU A 53 -19.03 3.27 -12.27
C GLU A 53 -20.52 3.38 -11.95
N GLN A 54 -20.92 2.74 -10.85
CA GLN A 54 -22.30 2.74 -10.39
C GLN A 54 -22.65 4.01 -9.63
N GLU A 55 -21.65 4.85 -9.37
CA GLU A 55 -21.89 6.11 -8.68
C GLU A 55 -22.11 7.19 -9.74
N GLY A 56 -23.15 7.98 -9.55
CA GLY A 56 -23.47 9.03 -10.48
C GLY A 56 -22.51 10.19 -10.48
N PRO A 57 -22.74 11.17 -11.36
CA PRO A 57 -21.92 12.39 -11.51
C PRO A 57 -21.86 13.19 -10.24
N GLU A 58 -22.97 13.24 -9.52
CA GLU A 58 -23.04 13.99 -8.27
C GLU A 58 -22.06 13.47 -7.23
N TYR A 59 -21.75 12.18 -7.27
CA TYR A 59 -20.81 11.60 -6.34
C TYR A 59 -19.43 12.19 -6.57
N TRP A 60 -18.98 12.12 -7.82
CA TRP A 60 -17.66 12.62 -8.17
C TRP A 60 -17.49 14.12 -7.93
N GLU A 61 -18.54 14.90 -8.17
CA GLU A 61 -18.45 16.33 -7.96
C GLU A 61 -18.31 16.66 -6.47
N ARG A 62 -19.11 15.99 -5.64
CA ARG A 62 -19.05 16.19 -4.20
C ARG A 62 -17.69 15.82 -3.62
N GLU A 63 -17.21 14.61 -3.94
CA GLU A 63 -15.91 14.16 -3.46
C GLU A 63 -14.78 15.06 -3.94
N THR A 64 -14.88 15.56 -5.16
CA THR A 64 -13.86 16.44 -5.72
C THR A 64 -13.86 17.76 -4.94
N GLN A 65 -15.04 18.25 -4.58
CA GLN A 65 -15.11 19.49 -3.85
C GLN A 65 -14.52 19.32 -2.47
N LYS A 66 -14.79 18.20 -1.84
CA LYS A 66 -14.24 17.94 -0.52
C LYS A 66 -12.72 17.82 -0.57
N ALA A 67 -12.20 17.08 -1.56
CA ALA A 67 -10.75 16.90 -1.68
C ALA A 67 -10.05 18.25 -1.87
N LYS A 68 -10.62 19.13 -2.67
CA LYS A 68 -10.01 20.44 -2.89
C LYS A 68 -10.07 21.26 -1.60
N GLY A 69 -11.13 21.06 -0.82
CA GLY A 69 -11.25 21.74 0.45
C GLY A 69 -10.16 21.21 1.36
N ASN A 70 -9.94 19.90 1.31
CA ASN A 70 -8.92 19.26 2.13
C ASN A 70 -7.53 19.75 1.73
N GLU A 71 -7.32 19.94 0.43
CA GLU A 71 -6.03 20.42 -0.07
C GLU A 71 -5.69 21.76 0.55
N GLN A 72 -6.64 22.68 0.52
CA GLN A 72 -6.44 24.00 1.11
C GLN A 72 -6.15 23.91 2.60
N SER A 73 -6.90 23.06 3.29
CA SER A 73 -6.75 22.85 4.72
C SER A 73 -5.35 22.35 5.07
N PHE A 74 -4.83 21.39 4.30
CA PHE A 74 -3.49 20.88 4.56
C PHE A 74 -2.37 21.83 4.18
N ARG A 75 -2.64 22.72 3.21
CA ARG A 75 -1.63 23.71 2.84
C ARG A 75 -1.36 24.55 4.09
N VAL A 76 -2.42 24.94 4.76
CA VAL A 76 -2.35 25.73 5.98
C VAL A 76 -1.68 24.96 7.09
N ASP A 77 -2.04 23.67 7.22
CA ASP A 77 -1.46 22.81 8.25
C ASP A 77 0.05 22.75 8.16
N LEU A 78 0.58 22.65 6.94
CA LEU A 78 2.02 22.59 6.77
C LEU A 78 2.69 23.86 7.31
N ARG A 79 2.05 25.01 7.11
CA ARG A 79 2.58 26.28 7.61
C ARG A 79 2.50 26.28 9.12
N THR A 80 1.32 25.95 9.63
CA THR A 80 1.08 25.90 11.06
C THR A 80 2.13 25.04 11.78
N LEU A 81 2.42 23.85 11.24
CA LEU A 81 3.38 22.98 11.88
C LEU A 81 4.79 23.55 11.91
N LEU A 82 5.12 24.42 10.97
CA LEU A 82 6.44 25.05 10.96
C LEU A 82 6.54 25.92 12.20
N GLY A 83 5.42 26.55 12.55
CA GLY A 83 5.37 27.40 13.72
C GLY A 83 5.52 26.55 14.97
N TYR A 84 4.66 25.54 15.12
CA TYR A 84 4.72 24.66 16.28
C TYR A 84 6.12 24.11 16.52
N TYR A 85 6.80 23.71 15.45
CA TYR A 85 8.13 23.13 15.58
C TYR A 85 9.27 24.11 15.43
N ASN A 86 8.96 25.37 15.16
CA ASN A 86 9.99 26.39 14.97
C ASN A 86 10.96 25.97 13.86
N GLN A 87 10.41 25.55 12.73
CA GLN A 87 11.21 25.13 11.57
C GLN A 87 11.27 26.22 10.51
N SER A 88 12.32 26.21 9.70
CA SER A 88 12.49 27.19 8.64
C SER A 88 11.60 26.92 7.44
N LYS A 89 11.21 27.98 6.74
CA LYS A 89 10.33 27.86 5.58
C LYS A 89 10.89 27.12 4.37
N GLY A 90 12.20 26.92 4.32
CA GLY A 90 12.80 26.28 3.16
C GLY A 90 12.80 24.77 3.03
N GLY A 91 12.37 24.05 4.05
CA GLY A 91 12.40 22.60 3.97
C GLY A 91 11.10 21.93 3.56
N SER A 92 11.21 20.72 3.03
CA SER A 92 10.04 19.96 2.61
C SER A 92 9.56 19.16 3.83
N HIS A 93 8.24 19.11 4.03
CA HIS A 93 7.67 18.39 5.16
C HIS A 93 6.49 17.57 4.73
N THR A 94 6.17 16.54 5.50
CA THR A 94 5.08 15.63 5.16
C THR A 94 4.06 15.39 6.26
N ILE A 95 2.79 15.50 5.92
CA ILE A 95 1.72 15.20 6.86
C ILE A 95 1.01 13.98 6.28
N GLN A 96 0.86 12.93 7.09
CA GLN A 96 0.20 11.71 6.64
C GLN A 96 -0.96 11.44 7.55
N VAL A 97 -2.05 10.92 6.99
CA VAL A 97 -3.25 10.59 7.75
C VAL A 97 -3.83 9.27 7.27
N ILE A 98 -4.29 8.45 8.20
CA ILE A 98 -4.95 7.20 7.87
C ILE A 98 -6.27 7.33 8.62
N SER A 99 -7.37 7.21 7.90
CA SER A 99 -8.70 7.36 8.48
C SER A 99 -9.54 6.18 7.99
N GLY A 100 -10.43 5.67 8.82
CA GLY A 100 -11.26 4.55 8.37
C GLY A 100 -12.12 3.87 9.41
N CYS A 101 -12.90 2.90 8.97
CA CYS A 101 -13.79 2.13 9.83
C CYS A 101 -13.80 0.69 9.36
N GLU A 102 -14.22 -0.21 10.24
CA GLU A 102 -14.28 -1.63 9.91
C GLU A 102 -15.58 -2.19 10.43
N VAL A 103 -16.23 -3.01 9.63
CA VAL A 103 -17.48 -3.65 10.01
C VAL A 103 -17.34 -5.18 10.00
N GLY A 104 -18.11 -5.85 10.85
CA GLY A 104 -18.06 -7.30 10.88
C GLY A 104 -18.83 -7.82 9.68
N SER A 105 -19.00 -9.13 9.59
CA SER A 105 -19.72 -9.75 8.48
C SER A 105 -21.19 -9.34 8.39
N ASP A 106 -21.76 -8.92 9.52
CA ASP A 106 -23.16 -8.50 9.57
C ASP A 106 -23.32 -7.00 9.32
N GLY A 107 -22.21 -6.33 9.01
CA GLY A 107 -22.24 -4.91 8.72
C GLY A 107 -22.23 -3.92 9.88
N ARG A 108 -21.98 -4.40 11.09
CA ARG A 108 -21.95 -3.51 12.25
C ARG A 108 -20.51 -3.05 12.51
N LEU A 109 -20.35 -1.82 12.98
CA LEU A 109 -19.04 -1.26 13.26
C LEU A 109 -18.24 -2.07 14.28
N LEU A 110 -17.00 -2.35 13.96
CA LEU A 110 -16.12 -3.06 14.87
C LEU A 110 -15.23 -1.98 15.49
N ARG A 111 -14.67 -1.12 14.65
CA ARG A 111 -13.82 -0.03 15.12
C ARG A 111 -13.61 1.06 14.08
N GLY A 112 -13.30 2.25 14.57
CA GLY A 112 -13.05 3.38 13.70
C GLY A 112 -11.71 3.94 14.12
N TYR A 113 -11.02 4.63 13.23
CA TYR A 113 -9.72 5.19 13.57
C TYR A 113 -9.28 6.38 12.73
N GLN A 114 -8.34 7.13 13.26
CA GLN A 114 -7.78 8.30 12.59
C GLN A 114 -6.46 8.62 13.26
N GLN A 115 -5.40 8.64 12.46
CA GLN A 115 -4.06 8.88 12.95
C GLN A 115 -3.26 9.80 12.04
N TYR A 116 -2.58 10.78 12.63
CA TYR A 116 -1.76 11.73 11.91
C TYR A 116 -0.27 11.51 12.21
N ALA A 117 0.57 11.91 11.28
CA ALA A 117 2.02 11.82 11.43
C ALA A 117 2.63 13.04 10.77
N TYR A 118 3.76 13.48 11.30
CA TYR A 118 4.45 14.62 10.74
C TYR A 118 5.88 14.17 10.54
N ASP A 119 6.36 14.28 9.32
CA ASP A 119 7.71 13.85 8.96
C ASP A 119 8.04 12.41 9.37
N GLY A 120 7.05 11.53 9.25
CA GLY A 120 7.27 10.12 9.57
C GLY A 120 7.11 9.72 11.01
N CYS A 121 6.72 10.65 11.87
CA CYS A 121 6.54 10.33 13.29
C CYS A 121 5.11 10.62 13.73
N ASP A 122 4.62 9.80 14.65
CA ASP A 122 3.27 9.94 15.18
C ASP A 122 3.08 11.37 15.65
N TYR A 123 1.86 11.87 15.51
CA TYR A 123 1.55 13.23 15.90
C TYR A 123 0.36 13.21 16.86
N ILE A 124 -0.80 12.80 16.36
CA ILE A 124 -1.99 12.73 17.20
C ILE A 124 -2.86 11.60 16.68
N ALA A 125 -3.57 10.92 17.58
CA ALA A 125 -4.40 9.81 17.18
C ALA A 125 -5.66 9.76 18.01
N LEU A 126 -6.75 9.30 17.41
CA LEU A 126 -8.01 9.17 18.11
C LEU A 126 -7.88 7.88 18.91
N ASN A 127 -8.33 7.89 20.16
CA ASN A 127 -8.25 6.70 20.98
C ASN A 127 -9.38 5.75 20.66
N GLU A 128 -9.22 4.48 21.04
CA GLU A 128 -10.21 3.45 20.80
C GLU A 128 -11.61 3.82 21.27
N ASP A 129 -11.71 4.71 22.26
CA ASP A 129 -13.00 5.12 22.78
C ASP A 129 -13.76 6.07 21.87
N LEU A 130 -13.09 6.51 20.81
CA LEU A 130 -13.64 7.43 19.81
C LEU A 130 -14.11 8.75 20.41
N LYS A 131 -13.58 9.08 21.58
CA LYS A 131 -13.97 10.32 22.25
C LYS A 131 -12.79 11.18 22.65
N THR A 132 -11.60 10.58 22.77
CA THR A 132 -10.41 11.32 23.19
C THR A 132 -9.22 11.18 22.26
N TRP A 133 -8.29 12.12 22.34
CA TRP A 133 -7.10 12.13 21.50
C TRP A 133 -5.87 11.83 22.35
N THR A 134 -4.80 11.40 21.69
CA THR A 134 -3.53 11.13 22.35
C THR A 134 -2.44 11.77 21.49
N ALA A 135 -1.73 12.74 22.07
CA ALA A 135 -0.68 13.48 21.39
C ALA A 135 0.70 12.87 21.62
N ALA A 136 1.52 12.82 20.58
CA ALA A 136 2.87 12.25 20.68
C ALA A 136 3.89 13.26 21.20
N ASP A 137 3.56 14.55 21.13
CA ASP A 137 4.48 15.57 21.62
C ASP A 137 3.78 16.85 22.02
N MET A 138 4.56 17.83 22.43
CA MET A 138 4.00 19.10 22.86
C MET A 138 3.32 19.90 21.76
N ALA A 139 3.82 19.76 20.52
CA ALA A 139 3.22 20.45 19.39
C ALA A 139 1.80 19.90 19.21
N ALA A 140 1.70 18.57 19.20
CA ALA A 140 0.43 17.88 19.04
C ALA A 140 -0.52 18.23 20.17
N LEU A 141 0.05 18.63 21.30
CA LEU A 141 -0.74 19.01 22.46
C LEU A 141 -1.53 20.28 22.14
N ILE A 142 -0.99 21.09 21.24
CA ILE A 142 -1.64 22.33 20.82
C ILE A 142 -2.88 22.00 20.00
N THR A 143 -2.72 21.07 19.06
CA THR A 143 -3.81 20.63 18.19
C THR A 143 -4.90 19.96 19.04
N LYS A 144 -4.48 19.13 19.99
CA LYS A 144 -5.39 18.41 20.89
C LYS A 144 -6.36 19.37 21.55
N HIS A 145 -5.82 20.43 22.13
CA HIS A 145 -6.63 21.44 22.80
C HIS A 145 -7.59 22.12 21.81
N LYS A 146 -7.10 22.51 20.64
CA LYS A 146 -7.95 23.15 19.61
C LYS A 146 -9.13 22.24 19.27
N TRP A 147 -8.83 20.96 19.04
CA TRP A 147 -9.85 19.97 18.68
C TRP A 147 -10.86 19.72 19.79
N GLU A 148 -10.38 19.72 21.03
CA GLU A 148 -11.27 19.50 22.16
C GLU A 148 -12.24 20.69 22.28
N GLN A 149 -11.73 21.90 22.10
CA GLN A 149 -12.57 23.09 22.16
C GLN A 149 -13.56 23.21 21.01
N ALA A 150 -13.20 22.67 19.84
CA ALA A 150 -14.09 22.73 18.69
C ALA A 150 -15.08 21.56 18.69
N GLY A 151 -14.86 20.57 19.54
CA GLY A 151 -15.77 19.43 19.59
C GLY A 151 -15.57 18.55 18.39
N GLU A 152 -14.32 18.47 17.94
CA GLU A 152 -13.95 17.70 16.78
C GLU A 152 -14.17 16.19 16.92
N ALA A 153 -13.85 15.62 18.07
CA ALA A 153 -14.02 14.18 18.30
C ALA A 153 -15.46 13.72 18.07
N GLU A 154 -16.41 14.59 18.39
CA GLU A 154 -17.82 14.27 18.21
C GLU A 154 -18.17 14.26 16.72
N ARG A 155 -17.58 15.20 15.97
CA ARG A 155 -17.83 15.30 14.55
C ARG A 155 -17.24 14.09 13.83
N LEU A 156 -16.02 13.72 14.22
CA LEU A 156 -15.36 12.56 13.63
C LEU A 156 -16.12 11.28 13.99
N ARG A 157 -16.59 11.17 15.23
CA ARG A 157 -17.32 9.97 15.64
C ARG A 157 -18.58 9.81 14.79
N ALA A 158 -19.22 10.93 14.47
CA ALA A 158 -20.42 10.92 13.64
C ALA A 158 -20.08 10.30 12.28
N TYR A 159 -18.94 10.68 11.74
CA TYR A 159 -18.49 10.17 10.46
C TYR A 159 -18.15 8.68 10.54
N LEU A 160 -17.31 8.29 11.51
CA LEU A 160 -16.90 6.90 11.66
C LEU A 160 -18.06 5.91 11.89
N GLU A 161 -19.03 6.31 12.69
CA GLU A 161 -20.16 5.46 12.98
C GLU A 161 -21.27 5.58 11.96
N GLY A 162 -21.29 6.67 11.21
CA GLY A 162 -22.34 6.85 10.24
C GLY A 162 -21.88 6.70 8.82
N THR A 163 -21.56 7.83 8.21
CA THR A 163 -21.10 7.91 6.83
C THR A 163 -20.14 6.79 6.45
N CYS A 164 -19.09 6.62 7.24
CA CYS A 164 -18.10 5.61 6.97
C CYS A 164 -18.71 4.21 6.86
N VAL A 165 -19.53 3.86 7.83
CA VAL A 165 -20.18 2.54 7.88
C VAL A 165 -21.16 2.32 6.72
N GLU A 166 -22.08 3.26 6.56
CA GLU A 166 -23.08 3.18 5.52
C GLU A 166 -22.51 3.12 4.11
N TRP A 167 -21.49 3.93 3.85
CA TRP A 167 -20.89 3.92 2.53
C TRP A 167 -20.05 2.66 2.34
N LEU A 168 -19.44 2.17 3.40
CA LEU A 168 -18.65 0.93 3.31
C LEU A 168 -19.59 -0.19 2.86
N ARG A 169 -20.77 -0.26 3.49
CA ARG A 169 -21.77 -1.27 3.17
C ARG A 169 -22.20 -1.14 1.71
N ARG A 170 -22.42 0.09 1.28
CA ARG A 170 -22.82 0.37 -0.08
C ARG A 170 -21.77 -0.09 -1.09
N TYR A 171 -20.49 0.20 -0.82
CA TYR A 171 -19.41 -0.21 -1.72
C TYR A 171 -19.28 -1.73 -1.79
N LEU A 172 -19.42 -2.39 -0.64
CA LEU A 172 -19.34 -3.84 -0.59
C LEU A 172 -20.44 -4.46 -1.43
N LYS A 173 -21.61 -3.81 -1.42
CA LYS A 173 -22.74 -4.30 -2.19
C LYS A 173 -22.54 -4.11 -3.69
N ASN A 174 -22.33 -2.87 -4.12
CA ASN A 174 -22.13 -2.58 -5.54
C ASN A 174 -20.93 -3.29 -6.12
N GLY A 175 -19.88 -3.49 -5.34
CA GLY A 175 -18.71 -4.17 -5.85
C GLY A 175 -18.54 -5.59 -5.33
N ASN A 176 -19.63 -6.16 -4.82
CA ASN A 176 -19.61 -7.49 -4.23
C ASN A 176 -18.91 -8.55 -5.07
N ALA A 177 -19.06 -8.47 -6.39
CA ALA A 177 -18.43 -9.46 -7.27
C ALA A 177 -16.92 -9.38 -7.23
N THR A 178 -16.39 -8.20 -6.96
CA THR A 178 -14.96 -7.99 -6.91
C THR A 178 -14.43 -8.13 -5.49
N LEU A 179 -15.08 -7.43 -4.57
CA LEU A 179 -14.69 -7.42 -3.17
C LEU A 179 -14.93 -8.70 -2.38
N LEU A 180 -15.99 -9.43 -2.70
CA LEU A 180 -16.29 -10.65 -1.97
C LEU A 180 -15.82 -11.93 -2.66
N ARG A 181 -14.94 -11.79 -3.65
CA ARG A 181 -14.44 -12.96 -4.35
C ARG A 181 -13.28 -13.56 -3.58
N THR A 182 -12.84 -14.72 -4.03
CA THR A 182 -11.71 -15.39 -3.41
C THR A 182 -10.94 -16.05 -4.53
N ASP A 183 -9.70 -15.62 -4.74
CA ASP A 183 -8.84 -16.19 -5.76
C ASP A 183 -7.88 -17.12 -5.03
N SER A 184 -7.90 -18.38 -5.41
CA SER A 184 -7.04 -19.37 -4.80
C SER A 184 -5.64 -19.23 -5.35
N PRO A 185 -4.64 -19.24 -4.46
CA PRO A 185 -3.27 -19.09 -4.94
C PRO A 185 -2.77 -20.32 -5.70
N LYS A 186 -1.86 -20.08 -6.63
CA LYS A 186 -1.22 -21.15 -7.39
C LYS A 186 0.19 -21.06 -6.87
N ALA A 187 0.73 -22.17 -6.39
CA ALA A 187 2.07 -22.16 -5.82
C ALA A 187 3.04 -23.03 -6.61
N HIS A 188 4.33 -22.74 -6.44
CA HIS A 188 5.38 -23.51 -7.09
C HIS A 188 6.70 -23.23 -6.38
N VAL A 189 7.65 -24.15 -6.53
CA VAL A 189 8.95 -24.01 -5.87
C VAL A 189 10.09 -23.93 -6.89
N THR A 190 11.06 -23.06 -6.62
CA THR A 190 12.22 -22.89 -7.48
C THR A 190 13.46 -23.31 -6.70
N HIS A 191 14.50 -23.73 -7.43
CA HIS A 191 15.73 -24.22 -6.83
C HIS A 191 16.89 -23.35 -7.31
N HIS A 192 17.79 -22.98 -6.41
CA HIS A 192 18.94 -22.16 -6.76
C HIS A 192 20.17 -22.69 -6.04
N SER A 193 21.24 -22.90 -6.80
CA SER A 193 22.48 -23.40 -6.22
C SER A 193 23.21 -22.30 -5.45
N ARG A 194 24.05 -22.71 -4.51
CA ARG A 194 24.83 -21.78 -3.69
C ARG A 194 26.15 -22.47 -3.38
N PRO A 195 27.14 -21.70 -2.90
CA PRO A 195 28.42 -22.31 -2.56
C PRO A 195 28.29 -23.12 -1.26
N GLU A 196 29.26 -23.99 -1.01
CA GLU A 196 29.28 -24.82 0.19
C GLU A 196 28.15 -25.86 0.23
N ASP A 197 27.91 -26.47 -0.91
CA ASP A 197 26.89 -27.52 -1.07
C ASP A 197 25.53 -27.24 -0.40
N LYS A 198 24.96 -26.08 -0.71
CA LYS A 198 23.66 -25.69 -0.16
C LYS A 198 22.82 -25.12 -1.30
N VAL A 199 21.51 -25.19 -1.15
CA VAL A 199 20.61 -24.67 -2.18
C VAL A 199 19.51 -23.82 -1.57
N THR A 200 18.98 -22.90 -2.36
CA THR A 200 17.89 -22.04 -1.92
C THR A 200 16.61 -22.53 -2.58
N LEU A 201 15.66 -22.97 -1.75
CA LEU A 201 14.36 -23.43 -2.21
C LEU A 201 13.43 -22.26 -1.96
N ARG A 202 12.72 -21.83 -2.99
CA ARG A 202 11.81 -20.70 -2.85
C ARG A 202 10.40 -21.17 -3.16
N CYS A 203 9.47 -20.83 -2.28
CA CYS A 203 8.08 -21.20 -2.46
C CYS A 203 7.27 -19.97 -2.85
N TRP A 204 6.71 -20.00 -4.05
CA TRP A 204 5.94 -18.90 -4.59
C TRP A 204 4.44 -19.15 -4.52
N ALA A 205 3.68 -18.10 -4.25
CA ALA A 205 2.22 -18.17 -4.21
C ALA A 205 1.77 -16.98 -5.07
N LEU A 206 1.05 -17.27 -6.16
CA LEU A 206 0.61 -16.25 -7.10
C LEU A 206 -0.89 -16.18 -7.30
N GLY A 207 -1.34 -15.02 -7.77
CA GLY A 207 -2.75 -14.79 -8.10
C GLY A 207 -3.85 -14.98 -7.09
N PHE A 208 -3.59 -14.69 -5.82
CA PHE A 208 -4.61 -14.85 -4.80
C PHE A 208 -5.25 -13.56 -4.31
N TYR A 209 -6.45 -13.68 -3.75
CA TYR A 209 -7.22 -12.58 -3.17
C TYR A 209 -8.23 -13.22 -2.21
N PRO A 210 -8.38 -12.69 -0.99
CA PRO A 210 -7.74 -11.53 -0.36
C PRO A 210 -6.24 -11.70 -0.20
N ALA A 211 -5.57 -10.64 0.23
CA ALA A 211 -4.13 -10.65 0.42
C ALA A 211 -3.64 -11.54 1.56
N ASP A 212 -4.49 -11.79 2.56
CA ASP A 212 -4.13 -12.60 3.70
C ASP A 212 -3.79 -14.03 3.35
N ILE A 213 -2.58 -14.45 3.69
CA ILE A 213 -2.14 -15.80 3.37
C ILE A 213 -1.00 -16.15 4.31
N THR A 214 -0.77 -17.46 4.47
CA THR A 214 0.29 -17.96 5.32
C THR A 214 1.11 -18.97 4.52
N LEU A 215 2.40 -18.68 4.37
CA LEU A 215 3.32 -19.56 3.64
C LEU A 215 4.34 -20.03 4.66
N THR A 216 4.52 -21.34 4.79
CA THR A 216 5.51 -21.88 5.74
C THR A 216 6.28 -23.05 5.13
N TRP A 217 7.49 -23.28 5.63
CA TRP A 217 8.33 -24.38 5.19
C TRP A 217 8.45 -25.29 6.39
N GLN A 218 8.34 -26.60 6.19
CA GLN A 218 8.42 -27.54 7.29
C GLN A 218 9.44 -28.65 7.05
N LEU A 219 10.02 -29.11 8.15
CA LEU A 219 11.00 -30.20 8.17
C LEU A 219 10.62 -30.99 9.41
N ASN A 220 10.54 -32.32 9.29
CA ASN A 220 10.18 -33.16 10.43
C ASN A 220 8.84 -32.72 11.02
N GLY A 221 8.03 -32.05 10.21
CA GLY A 221 6.74 -31.58 10.67
C GLY A 221 6.80 -30.27 11.45
N GLU A 222 8.00 -29.78 11.73
CA GLU A 222 8.16 -28.53 12.46
C GLU A 222 8.34 -27.37 11.48
N GLU A 223 7.62 -26.28 11.72
CA GLU A 223 7.71 -25.11 10.86
C GLU A 223 9.02 -24.37 11.15
N LEU A 224 9.78 -24.08 10.10
CA LEU A 224 11.07 -23.40 10.20
C LEU A 224 10.94 -21.87 10.13
N ILE A 225 10.03 -21.31 10.93
CA ILE A 225 9.81 -19.86 10.95
C ILE A 225 11.06 -19.02 11.23
N GLN A 226 11.88 -19.45 12.17
CA GLN A 226 13.10 -18.72 12.52
C GLN A 226 14.09 -18.63 11.36
N ASP A 227 14.36 -19.78 10.74
CA ASP A 227 15.31 -19.87 9.63
C ASP A 227 14.57 -19.79 8.29
N MET A 228 13.97 -18.65 8.00
CA MET A 228 13.20 -18.50 6.77
C MET A 228 13.22 -17.09 6.21
N GLU A 229 13.37 -17.00 4.89
CA GLU A 229 13.40 -15.74 4.15
C GLU A 229 11.97 -15.49 3.67
N LEU A 230 11.54 -14.23 3.61
CA LEU A 230 10.15 -13.93 3.25
C LEU A 230 9.91 -12.46 2.83
N VAL A 231 9.04 -12.24 1.84
CA VAL A 231 8.70 -10.87 1.44
C VAL A 231 7.28 -10.58 1.87
N GLU A 232 6.99 -9.32 2.13
CA GLU A 232 5.64 -8.91 2.52
C GLU A 232 4.75 -9.16 1.30
N THR A 233 3.51 -9.56 1.54
CA THR A 233 2.58 -9.81 0.46
C THR A 233 2.50 -8.54 -0.38
N ARG A 234 2.58 -8.70 -1.70
CA ARG A 234 2.61 -7.56 -2.60
C ARG A 234 1.60 -7.65 -3.75
N PRO A 235 1.04 -6.50 -4.17
CA PRO A 235 0.07 -6.48 -5.27
C PRO A 235 0.80 -6.80 -6.57
N ALA A 236 0.14 -7.53 -7.46
CA ALA A 236 0.76 -7.91 -8.72
C ALA A 236 0.25 -7.16 -9.95
N GLY A 237 -0.40 -6.02 -9.74
CA GLY A 237 -0.86 -5.22 -10.85
C GLY A 237 -2.24 -5.40 -11.42
N ASP A 238 -2.96 -6.45 -11.03
CA ASP A 238 -4.30 -6.70 -11.55
C ASP A 238 -5.34 -6.93 -10.47
N GLY A 239 -5.04 -6.54 -9.24
CA GLY A 239 -6.01 -6.74 -8.17
C GLY A 239 -5.73 -7.99 -7.35
N THR A 240 -4.66 -8.71 -7.68
CA THR A 240 -4.31 -9.88 -6.91
C THR A 240 -2.95 -9.64 -6.27
N PHE A 241 -2.53 -10.58 -5.41
CA PHE A 241 -1.26 -10.45 -4.71
C PHE A 241 -0.40 -11.69 -4.89
N GLN A 242 0.87 -11.58 -4.49
CA GLN A 242 1.78 -12.72 -4.55
C GLN A 242 2.70 -12.62 -3.33
N LYS A 243 3.43 -13.70 -3.06
CA LYS A 243 4.34 -13.76 -1.94
C LYS A 243 5.21 -14.98 -2.13
N TRP A 244 6.40 -14.94 -1.54
CA TRP A 244 7.32 -16.05 -1.60
C TRP A 244 8.04 -16.17 -0.26
N ALA A 245 8.48 -17.38 0.06
CA ALA A 245 9.20 -17.69 1.29
C ALA A 245 10.28 -18.67 0.88
N SER A 246 11.52 -18.43 1.30
CA SER A 246 12.60 -19.33 0.92
C SER A 246 13.38 -19.90 2.11
N VAL A 247 14.16 -20.94 1.82
CA VAL A 247 14.96 -21.60 2.83
C VAL A 247 16.19 -22.22 2.17
N VAL A 248 17.35 -22.02 2.78
CA VAL A 248 18.59 -22.58 2.27
C VAL A 248 18.82 -23.93 2.96
N VAL A 249 18.83 -25.00 2.18
CA VAL A 249 19.01 -26.33 2.74
C VAL A 249 20.27 -27.03 2.24
N PRO A 250 20.69 -28.11 2.93
CA PRO A 250 21.89 -28.86 2.55
C PRO A 250 21.60 -29.58 1.22
N LEU A 251 22.54 -29.51 0.29
CA LEU A 251 22.37 -30.14 -1.01
C LEU A 251 22.08 -31.63 -0.83
N GLY A 252 21.03 -32.09 -1.52
CA GLY A 252 20.63 -33.49 -1.43
C GLY A 252 19.62 -33.75 -0.33
N LYS A 253 19.24 -32.71 0.40
CA LYS A 253 18.28 -32.84 1.50
C LYS A 253 16.98 -32.08 1.19
N GLU A 254 16.86 -31.59 -0.03
CA GLU A 254 15.68 -30.84 -0.47
C GLU A 254 14.35 -31.53 -0.23
N GLN A 255 14.30 -32.85 -0.45
CA GLN A 255 13.06 -33.61 -0.27
C GLN A 255 12.52 -33.76 1.15
N TYR A 256 13.27 -33.30 2.14
CA TYR A 256 12.81 -33.40 3.51
C TYR A 256 12.07 -32.13 3.93
N TYR A 257 11.95 -31.19 2.99
CA TYR A 257 11.29 -29.92 3.23
C TYR A 257 10.06 -29.77 2.36
N THR A 258 8.97 -29.28 2.96
CA THR A 258 7.71 -29.06 2.25
C THR A 258 7.22 -27.64 2.49
N CYS A 259 6.51 -27.10 1.50
CA CYS A 259 5.95 -25.76 1.62
C CYS A 259 4.45 -25.89 1.83
N HIS A 260 3.91 -25.13 2.78
CA HIS A 260 2.49 -25.17 3.05
C HIS A 260 1.87 -23.81 2.85
N VAL A 261 0.75 -23.80 2.14
CA VAL A 261 0.05 -22.57 1.83
C VAL A 261 -1.37 -22.60 2.40
N TYR A 262 -1.67 -21.64 3.28
CA TYR A 262 -3.00 -21.53 3.88
C TYR A 262 -3.65 -20.24 3.37
N HIS A 263 -4.86 -20.36 2.83
CA HIS A 263 -5.56 -19.21 2.31
C HIS A 263 -7.03 -19.59 2.35
N GLN A 264 -7.92 -18.60 2.49
CA GLN A 264 -9.35 -18.92 2.54
C GLN A 264 -9.89 -19.55 1.26
N GLY A 265 -9.15 -19.41 0.16
CA GLY A 265 -9.55 -20.01 -1.10
C GLY A 265 -9.06 -21.45 -1.22
N LEU A 266 -8.55 -21.99 -0.11
CA LEU A 266 -8.05 -23.35 -0.12
C LEU A 266 -8.78 -24.13 0.97
N PRO A 267 -9.68 -25.04 0.58
CA PRO A 267 -10.41 -25.83 1.58
C PRO A 267 -9.39 -26.60 2.42
N GLU A 268 -8.36 -27.08 1.74
CA GLU A 268 -7.27 -27.79 2.38
C GLU A 268 -5.99 -27.14 1.88
N PRO A 269 -5.06 -26.86 2.81
CA PRO A 269 -3.77 -26.22 2.55
C PRO A 269 -2.96 -26.96 1.50
N LEU A 270 -2.17 -26.21 0.73
CA LEU A 270 -1.33 -26.81 -0.30
C LEU A 270 -0.02 -27.26 0.31
N THR A 271 0.47 -28.41 -0.13
CA THR A 271 1.73 -28.94 0.36
C THR A 271 2.56 -29.16 -0.90
N LEU A 272 3.71 -28.51 -0.97
CA LEU A 272 4.57 -28.62 -2.14
C LEU A 272 5.95 -29.14 -1.79
N ARG A 273 6.64 -29.58 -2.83
CA ARG A 273 8.00 -30.10 -2.75
C ARG A 273 8.66 -29.71 -4.07
N TRP A 274 9.97 -29.85 -4.15
CA TRP A 274 10.68 -29.52 -5.37
C TRP A 274 10.63 -30.74 -6.29
N ILE B 1 11.99 12.12 8.49
CA ILE B 1 12.60 10.76 8.55
C ILE B 1 13.05 10.31 7.16
N GLN B 2 14.27 9.76 7.09
CA GLN B 2 14.83 9.30 5.83
C GLN B 2 15.02 7.78 5.84
N LYS B 3 14.37 7.10 4.92
CA LYS B 3 14.45 5.64 4.80
C LYS B 3 14.71 5.25 3.37
N THR B 4 15.66 4.34 3.18
CA THR B 4 16.01 3.87 1.84
C THR B 4 14.98 2.85 1.36
N PRO B 5 14.51 3.02 0.11
CA PRO B 5 13.50 2.16 -0.52
C PRO B 5 13.96 0.76 -0.86
N GLN B 6 13.06 -0.21 -0.70
CA GLN B 6 13.32 -1.60 -1.05
C GLN B 6 12.64 -1.73 -2.40
N ILE B 7 13.39 -2.13 -3.42
CA ILE B 7 12.83 -2.26 -4.76
C ILE B 7 12.67 -3.71 -5.17
N GLN B 8 11.45 -4.10 -5.51
CA GLN B 8 11.19 -5.47 -5.92
C GLN B 8 10.61 -5.47 -7.32
N VAL B 9 11.18 -6.29 -8.20
CA VAL B 9 10.72 -6.38 -9.58
C VAL B 9 10.22 -7.82 -9.79
N TYR B 10 9.05 -7.94 -10.40
CA TYR B 10 8.46 -9.27 -10.61
C TYR B 10 7.31 -9.20 -11.60
N SER B 11 6.97 -10.33 -12.18
CA SER B 11 5.87 -10.41 -13.13
C SER B 11 4.62 -11.00 -12.48
N ARG B 12 3.46 -10.79 -13.10
CA ARG B 12 2.21 -11.30 -12.59
C ARG B 12 2.14 -12.83 -12.68
N HIS B 13 2.61 -13.37 -13.80
CA HIS B 13 2.59 -14.82 -14.02
C HIS B 13 4.01 -15.29 -14.29
N PRO B 14 4.25 -16.61 -14.21
CA PRO B 14 5.60 -17.11 -14.49
C PRO B 14 5.79 -16.72 -15.96
N PRO B 15 6.92 -16.11 -16.30
CA PRO B 15 7.10 -15.71 -17.71
C PRO B 15 7.09 -16.82 -18.76
N GLU B 16 6.39 -16.58 -19.86
CA GLU B 16 6.34 -17.51 -20.97
C GLU B 16 6.52 -16.62 -22.20
N ASN B 17 7.62 -16.80 -22.90
CA ASN B 17 7.89 -15.97 -24.06
C ASN B 17 6.71 -15.95 -25.02
N GLY B 18 6.31 -14.74 -25.41
CA GLY B 18 5.19 -14.61 -26.32
C GLY B 18 3.85 -14.41 -25.63
N LYS B 19 3.76 -14.77 -24.35
CA LYS B 19 2.51 -14.61 -23.63
C LYS B 19 2.49 -13.28 -22.89
N PRO B 20 1.42 -12.49 -23.06
CA PRO B 20 1.31 -11.20 -22.40
C PRO B 20 1.38 -11.39 -20.89
N ASN B 21 1.83 -10.35 -20.18
CA ASN B 21 2.00 -10.43 -18.73
C ASN B 21 2.04 -9.01 -18.18
N ILE B 22 2.34 -8.88 -16.90
CA ILE B 22 2.43 -7.57 -16.27
C ILE B 22 3.74 -7.55 -15.50
N LEU B 23 4.51 -6.49 -15.66
CA LEU B 23 5.76 -6.34 -14.95
C LEU B 23 5.48 -5.35 -13.81
N ASN B 24 5.94 -5.70 -12.62
CA ASN B 24 5.72 -4.85 -11.45
C ASN B 24 7.03 -4.42 -10.79
N CYS B 25 7.00 -3.20 -10.26
CA CYS B 25 8.13 -2.66 -9.55
C CYS B 25 7.51 -2.06 -8.30
N TYR B 26 7.59 -2.81 -7.21
CA TYR B 26 7.05 -2.39 -5.93
C TYR B 26 8.19 -1.72 -5.17
N VAL B 27 8.03 -0.42 -4.91
CA VAL B 27 9.03 0.35 -4.19
C VAL B 27 8.42 0.58 -2.79
N THR B 28 9.02 -0.05 -1.79
CA THR B 28 8.50 0.02 -0.44
C THR B 28 9.41 0.57 0.65
N GLN B 29 8.79 0.91 1.78
CA GLN B 29 9.48 1.39 2.97
C GLN B 29 10.43 2.58 2.82
N PHE B 30 9.97 3.64 2.17
CA PHE B 30 10.81 4.81 1.98
C PHE B 30 10.20 6.08 2.57
N HIS B 31 11.06 7.05 2.86
CA HIS B 31 10.66 8.34 3.41
C HIS B 31 11.85 9.27 3.23
N PRO B 32 11.62 10.52 2.79
CA PRO B 32 10.36 11.18 2.43
C PRO B 32 9.74 10.60 1.14
N PRO B 33 8.51 11.01 0.79
CA PRO B 33 7.79 10.54 -0.41
C PRO B 33 8.33 10.89 -1.78
N HIS B 34 9.22 11.87 -1.86
CA HIS B 34 9.79 12.27 -3.15
C HIS B 34 10.57 11.10 -3.72
N ILE B 35 10.21 10.66 -4.93
CA ILE B 35 10.89 9.54 -5.56
C ILE B 35 10.62 9.52 -7.06
N GLU B 36 11.57 9.05 -7.84
CA GLU B 36 11.40 8.95 -9.28
C GLU B 36 11.59 7.48 -9.63
N ILE B 37 10.56 6.89 -10.22
CA ILE B 37 10.58 5.48 -10.59
C ILE B 37 10.47 5.35 -12.10
N GLN B 38 11.36 4.56 -12.69
CA GLN B 38 11.34 4.35 -14.14
C GLN B 38 11.47 2.85 -14.41
N MET B 39 10.70 2.36 -15.37
CA MET B 39 10.78 0.96 -15.74
C MET B 39 11.45 1.01 -17.11
N LEU B 40 12.42 0.13 -17.33
CA LEU B 40 13.18 0.14 -18.57
C LEU B 40 13.16 -1.17 -19.34
N LYS B 41 13.00 -1.07 -20.65
CA LYS B 41 13.02 -2.24 -21.50
C LYS B 41 14.29 -2.05 -22.32
N ASN B 42 15.26 -2.95 -22.16
CA ASN B 42 16.49 -2.84 -22.92
C ASN B 42 17.20 -1.48 -22.72
N GLY B 43 17.20 -1.01 -21.48
CA GLY B 43 17.87 0.24 -21.16
C GLY B 43 17.12 1.49 -21.57
N LYS B 44 15.97 1.31 -22.19
CA LYS B 44 15.18 2.44 -22.61
C LYS B 44 13.93 2.55 -21.75
N LYS B 45 13.58 3.78 -21.38
CA LYS B 45 12.41 4.04 -20.54
C LYS B 45 11.10 3.62 -21.19
N ILE B 46 10.23 2.99 -20.40
CA ILE B 46 8.92 2.55 -20.86
C ILE B 46 7.95 3.68 -20.53
N PRO B 47 7.17 4.14 -21.53
CA PRO B 47 6.20 5.22 -21.37
C PRO B 47 4.91 4.86 -20.66
N LYS B 48 4.27 3.78 -21.11
CA LYS B 48 3.01 3.33 -20.53
C LYS B 48 3.23 2.62 -19.19
N VAL B 49 3.39 3.39 -18.12
CA VAL B 49 3.61 2.81 -16.80
C VAL B 49 2.64 3.40 -15.79
N GLU B 50 1.81 2.55 -15.19
CA GLU B 50 0.83 2.97 -14.21
C GLU B 50 1.35 2.87 -12.78
N MET B 51 1.05 3.88 -11.97
CA MET B 51 1.45 3.92 -10.57
C MET B 51 0.17 3.67 -9.76
N SER B 52 0.22 2.76 -8.80
CA SER B 52 -0.95 2.47 -8.00
C SER B 52 -0.58 1.82 -6.67
N ASP B 53 -1.61 1.44 -5.92
CA ASP B 53 -1.44 0.79 -4.64
C ASP B 53 -0.54 1.54 -3.67
N MET B 54 -0.76 2.84 -3.53
CA MET B 54 0.05 3.62 -2.61
C MET B 54 -0.51 3.46 -1.22
N SER B 55 0.36 3.28 -0.24
CA SER B 55 -0.07 3.12 1.14
C SER B 55 1.12 3.39 2.06
N PHE B 56 0.86 3.42 3.36
CA PHE B 56 1.92 3.62 4.35
C PHE B 56 1.83 2.42 5.25
N SER B 57 2.94 2.02 5.85
CA SER B 57 2.91 0.91 6.79
C SER B 57 2.70 1.55 8.16
N LYS B 58 2.80 0.77 9.23
CA LYS B 58 2.60 1.28 10.58
C LYS B 58 3.67 2.27 11.01
N ASP B 59 4.87 2.15 10.45
CA ASP B 59 5.96 3.05 10.79
C ASP B 59 5.91 4.30 9.92
N TRP B 60 4.86 4.41 9.11
CA TRP B 60 4.62 5.55 8.21
C TRP B 60 5.43 5.60 6.93
N SER B 61 6.25 4.60 6.65
CA SER B 61 7.03 4.60 5.42
C SER B 61 6.10 4.30 4.24
N PHE B 62 6.45 4.84 3.06
CA PHE B 62 5.64 4.69 1.85
C PHE B 62 5.85 3.42 1.04
N TYR B 63 4.78 3.02 0.35
CA TYR B 63 4.75 1.85 -0.52
C TYR B 63 4.04 2.31 -1.79
N ILE B 64 4.61 2.05 -2.95
CA ILE B 64 4.00 2.45 -4.22
C ILE B 64 4.28 1.38 -5.27
N LEU B 65 3.33 1.15 -6.16
CA LEU B 65 3.50 0.14 -7.20
C LEU B 65 3.52 0.74 -8.60
N ALA B 66 4.54 0.38 -9.36
CA ALA B 66 4.68 0.83 -10.74
C ALA B 66 4.52 -0.45 -11.56
N HIS B 67 3.59 -0.44 -12.51
CA HIS B 67 3.39 -1.61 -13.34
C HIS B 67 3.02 -1.26 -14.78
N THR B 68 3.30 -2.20 -15.66
CA THR B 68 3.02 -2.05 -17.08
C THR B 68 2.82 -3.44 -17.69
N GLU B 69 2.08 -3.52 -18.78
CA GLU B 69 1.87 -4.81 -19.43
C GLU B 69 3.07 -5.05 -20.33
N PHE B 70 3.39 -6.31 -20.57
CA PHE B 70 4.50 -6.61 -21.43
C PHE B 70 4.44 -8.07 -21.82
N THR B 71 5.07 -8.40 -22.94
CA THR B 71 5.12 -9.77 -23.44
C THR B 71 6.59 -10.12 -23.48
N PRO B 72 7.04 -10.98 -22.56
CA PRO B 72 8.44 -11.38 -22.51
C PRO B 72 8.94 -12.07 -23.77
N THR B 73 10.22 -11.87 -24.04
CA THR B 73 10.92 -12.42 -25.19
C THR B 73 12.21 -12.93 -24.55
N GLU B 74 12.95 -13.80 -25.23
CA GLU B 74 14.17 -14.30 -24.62
C GLU B 74 15.34 -13.31 -24.71
N THR B 75 15.25 -12.31 -25.58
CA THR B 75 16.34 -11.34 -25.71
C THR B 75 16.08 -9.98 -25.06
N ASP B 76 14.88 -9.79 -24.52
CA ASP B 76 14.51 -8.54 -23.87
C ASP B 76 14.76 -8.57 -22.38
N THR B 77 15.36 -7.52 -21.85
CA THR B 77 15.63 -7.42 -20.43
C THR B 77 14.86 -6.23 -19.89
N TYR B 78 14.44 -6.33 -18.64
CA TYR B 78 13.67 -5.28 -17.99
C TYR B 78 14.30 -4.90 -16.67
N ALA B 79 14.06 -3.68 -16.23
CA ALA B 79 14.62 -3.20 -14.99
C ALA B 79 13.80 -2.04 -14.46
N CYS B 80 14.03 -1.71 -13.20
CA CYS B 80 13.35 -0.60 -12.58
C CYS B 80 14.45 0.25 -11.96
N ARG B 81 14.50 1.52 -12.34
CA ARG B 81 15.50 2.42 -11.80
C ARG B 81 14.79 3.38 -10.87
N VAL B 82 15.31 3.53 -9.66
CA VAL B 82 14.73 4.41 -8.66
C VAL B 82 15.72 5.47 -8.17
N LYS B 83 15.26 6.72 -8.12
CA LYS B 83 16.08 7.83 -7.64
C LYS B 83 15.39 8.32 -6.37
N HIS B 84 16.15 8.39 -5.28
CA HIS B 84 15.64 8.84 -3.99
C HIS B 84 16.78 9.41 -3.17
N ASP B 85 16.55 10.55 -2.55
CA ASP B 85 17.53 11.27 -1.75
C ASP B 85 18.35 10.45 -0.76
N SER B 86 17.81 9.33 -0.29
CA SER B 86 18.55 8.49 0.64
C SER B 86 19.69 7.76 -0.06
N MET B 87 19.79 7.97 -1.37
CA MET B 87 20.81 7.32 -2.19
C MET B 87 21.52 8.36 -3.05
N ALA B 88 22.84 8.21 -3.19
CA ALA B 88 23.65 9.12 -3.99
C ALA B 88 23.56 8.78 -5.47
N GLU B 89 23.62 7.48 -5.76
CA GLU B 89 23.53 6.97 -7.12
C GLU B 89 22.17 6.30 -7.25
N PRO B 90 21.47 6.48 -8.39
CA PRO B 90 20.16 5.85 -8.58
C PRO B 90 20.33 4.34 -8.56
N LYS B 91 19.31 3.62 -8.11
CA LYS B 91 19.42 2.18 -8.06
C LYS B 91 18.57 1.48 -9.12
N THR B 92 19.20 0.59 -9.87
CA THR B 92 18.52 -0.16 -10.91
C THR B 92 18.42 -1.62 -10.48
N VAL B 93 17.19 -2.14 -10.45
CA VAL B 93 16.98 -3.52 -10.08
C VAL B 93 16.42 -4.22 -11.31
N TYR B 94 17.12 -5.28 -11.72
CA TYR B 94 16.75 -6.06 -12.88
C TYR B 94 15.75 -7.16 -12.61
N TRP B 95 14.89 -7.40 -13.60
CA TRP B 95 13.91 -8.47 -13.49
C TRP B 95 14.68 -9.79 -13.67
N ASP B 96 14.69 -10.59 -12.61
CA ASP B 96 15.34 -11.89 -12.63
C ASP B 96 14.26 -12.91 -12.92
N ARG B 97 14.13 -13.31 -14.18
CA ARG B 97 13.09 -14.26 -14.54
C ARG B 97 13.35 -15.70 -14.06
N ASP B 98 14.51 -15.95 -13.45
CA ASP B 98 14.83 -17.28 -12.94
C ASP B 98 14.90 -17.20 -11.41
N MET B 99 13.93 -16.54 -10.78
CA MET B 99 13.91 -16.40 -9.34
C MET B 99 12.90 -17.34 -8.66
N ARG C 1 -16.57 7.12 1.03
CA ARG C 1 -16.76 8.59 1.10
C ARG C 1 -15.77 9.16 2.12
N GLY C 2 -14.92 10.07 1.66
CA GLY C 2 -13.91 10.66 2.51
C GLY C 2 -14.43 11.61 3.56
N TYR C 3 -13.53 11.99 4.46
CA TYR C 3 -13.86 12.91 5.54
C TYR C 3 -13.37 14.32 5.20
N VAL C 4 -14.01 15.32 5.82
CA VAL C 4 -13.63 16.72 5.63
C VAL C 4 -12.79 17.03 6.88
N TYR C 5 -11.48 17.05 6.70
CA TYR C 5 -10.56 17.26 7.80
C TYR C 5 -10.57 18.62 8.50
N GLN C 6 -10.27 18.56 9.79
CA GLN C 6 -10.18 19.73 10.67
C GLN C 6 -8.72 20.20 10.65
N GLY C 7 -8.49 21.50 10.72
CA GLY C 7 -7.13 22.00 10.73
C GLY C 7 -6.38 21.76 12.03
N LEU C 8 -5.06 21.57 11.93
CA LEU C 8 -4.20 21.32 13.09
C LEU C 8 -3.87 22.57 13.90
#